data_3MIL
#
_entry.id   3MIL
#
_cell.length_a   71.565
_cell.length_b   44.644
_cell.length_c   81.842
_cell.angle_alpha   90.00
_cell.angle_beta   114.44
_cell.angle_gamma   90.00
#
_symmetry.space_group_name_H-M   'P 1 21 1'
#
loop_
_entity.id
_entity.type
_entity.pdbx_description
1 polymer 'Isoamyl acetate-hydrolyzing esterase'
2 non-polymer GLYCEROL
3 water water
#
_entity_poly.entity_id   1
_entity_poly.type   'polypeptide(L)'
_entity_poly.pdbx_seq_one_letter_code
;MDYEKFLLFGDSITEFAFNTRPIEDGKDQYALGAALVNEYTRKMDILQRGFKGYTSRWALKILPEILKHESNIVMATIFL
GANDACSAGPQSVPLPEFIDNIRQMVSLMKSYHIRPIIIGPGLVDREKWEKEKSEEIALGYFRTNENFAIYSDALAKLAN
EEKVPFVALNKAFQQEGGDAWQQLLTDGLHFSGKGYKIFHDELLKVIETFYPQYHPKNMQYKLKDWRDVLDDGSNIMSLE
;
_entity_poly.pdbx_strand_id   A,B
#
# COMPACT_ATOMS: atom_id res chain seq x y z
N MET A 1 0.46 -19.50 -4.64
CA MET A 1 0.55 -18.12 -4.09
C MET A 1 -0.47 -17.19 -4.75
N ASP A 2 -1.73 -17.63 -4.74
CA ASP A 2 -2.82 -16.84 -5.30
C ASP A 2 -3.44 -15.96 -4.20
N TYR A 3 -3.28 -14.66 -4.35
CA TYR A 3 -3.86 -13.70 -3.45
C TYR A 3 -5.15 -13.16 -4.03
N GLU A 4 -6.17 -13.02 -3.19
CA GLU A 4 -7.37 -12.29 -3.56
C GLU A 4 -7.09 -10.81 -3.48
N LYS A 5 -7.91 -10.01 -4.18
CA LYS A 5 -7.71 -8.56 -4.28
C LYS A 5 -8.89 -7.80 -3.69
N PHE A 6 -8.58 -6.74 -2.96
CA PHE A 6 -9.55 -5.80 -2.44
C PHE A 6 -9.32 -4.52 -3.22
N LEU A 7 -10.26 -4.18 -4.08
CA LEU A 7 -10.16 -3.01 -4.96
C LEU A 7 -10.67 -1.75 -4.26
N LEU A 8 -9.89 -0.67 -4.30
CA LEU A 8 -10.33 0.64 -3.81
C LEU A 8 -10.55 1.52 -5.03
N PHE A 9 -11.82 1.82 -5.33
CA PHE A 9 -12.18 2.53 -6.56
C PHE A 9 -12.80 3.88 -6.23
N GLY A 10 -12.27 4.94 -6.84
CA GLY A 10 -12.83 6.25 -6.52
C GLY A 10 -12.03 7.41 -7.08
N ASP A 11 -12.15 8.55 -6.40
CA ASP A 11 -11.59 9.83 -6.85
C ASP A 11 -10.30 10.17 -6.09
N SER A 12 -10.00 11.46 -5.94
CA SER A 12 -8.80 11.89 -5.21
C SER A 12 -8.73 11.31 -3.79
N ILE A 13 -9.86 11.12 -3.14
CA ILE A 13 -9.80 10.64 -1.75
C ILE A 13 -9.29 9.19 -1.72
N THR A 14 -9.51 8.47 -2.83
CA THR A 14 -8.89 7.15 -3.01
C THR A 14 -7.45 7.26 -3.51
N GLU A 15 -7.22 8.12 -4.49
CA GLU A 15 -5.86 8.34 -5.01
C GLU A 15 -4.85 8.75 -3.91
N PHE A 16 -5.30 9.58 -2.98
CA PHE A 16 -4.43 10.18 -1.96
C PHE A 16 -4.31 9.32 -0.69
N ALA A 17 -4.94 8.14 -0.69
CA ALA A 17 -5.13 7.36 0.54
C ALA A 17 -3.87 6.73 1.18
N PHE A 18 -2.74 6.79 0.47
CA PHE A 18 -1.50 6.18 0.96
C PHE A 18 -0.46 7.23 1.39
N ASN A 19 -0.79 8.50 1.27
CA ASN A 19 0.17 9.54 1.57
C ASN A 19 0.16 9.88 3.05
N THR A 20 1.26 9.62 3.72
CA THR A 20 1.42 9.97 5.13
C THR A 20 1.87 11.41 5.32
N ARG A 21 2.20 12.10 4.23
CA ARG A 21 2.69 13.47 4.31
C ARG A 21 1.89 14.40 3.40
N PRO A 22 0.60 14.61 3.72
CA PRO A 22 -0.30 15.37 2.86
C PRO A 22 -0.01 16.87 2.88
N ILE A 23 0.68 17.32 3.93
CA ILE A 23 0.98 18.74 4.10
C ILE A 23 2.47 18.94 4.38
N GLU A 24 2.95 20.17 4.16
CA GLU A 24 4.38 20.45 4.23
C GLU A 24 4.82 20.89 5.63
N ASP A 25 4.51 20.06 6.63
CA ASP A 25 5.10 20.21 7.96
C ASP A 25 6.17 19.14 8.21
N GLY A 26 6.17 18.12 7.35
CA GLY A 26 7.10 16.99 7.46
C GLY A 26 6.70 15.95 8.50
N LYS A 27 5.50 16.09 9.06
CA LYS A 27 5.01 15.22 10.13
C LYS A 27 4.07 14.15 9.59
N ASP A 28 4.41 12.89 9.83
CA ASP A 28 3.65 11.77 9.28
C ASP A 28 2.28 11.63 9.90
N GLN A 29 1.32 11.31 9.04
CA GLN A 29 -0.06 11.08 9.45
C GLN A 29 -0.51 9.70 9.03
N TYR A 30 -1.54 9.21 9.70
CA TYR A 30 -2.17 7.94 9.37
C TYR A 30 -2.65 7.95 7.91
N ALA A 31 -2.49 6.82 7.24
CA ALA A 31 -2.95 6.70 5.84
C ALA A 31 -3.79 5.44 5.69
N LEU A 32 -5.04 5.61 5.24
CA LEU A 32 -5.96 4.48 5.06
C LEU A 32 -5.35 3.31 4.29
N GLY A 33 -4.73 3.63 3.15
CA GLY A 33 -4.16 2.60 2.29
C GLY A 33 -3.07 1.81 3.00
N ALA A 34 -2.24 2.51 3.77
CA ALA A 34 -1.15 1.87 4.49
C ALA A 34 -1.66 0.93 5.56
N ALA A 35 -2.66 1.36 6.32
CA ALA A 35 -3.28 0.48 7.31
C ALA A 35 -3.89 -0.76 6.68
N LEU A 36 -4.59 -0.57 5.56
CA LEU A 36 -5.20 -1.70 4.86
C LEU A 36 -4.15 -2.70 4.41
N VAL A 37 -3.08 -2.24 3.76
CA VAL A 37 -2.05 -3.19 3.29
C VAL A 37 -1.46 -3.93 4.50
N ASN A 38 -1.16 -3.19 5.55
CA ASN A 38 -0.56 -3.77 6.74
C ASN A 38 -1.44 -4.87 7.36
N GLU A 39 -2.70 -4.55 7.64
CA GLU A 39 -3.58 -5.52 8.30
C GLU A 39 -3.96 -6.71 7.42
N TYR A 40 -3.92 -6.50 6.09
CA TYR A 40 -4.21 -7.58 5.14
C TYR A 40 -2.94 -8.23 4.56
N THR A 41 -1.78 -7.93 5.15
CA THR A 41 -0.52 -8.55 4.69
C THR A 41 -0.58 -10.08 4.82
N ARG A 42 -0.13 -10.76 3.77
CA ARG A 42 -0.24 -12.22 3.65
C ARG A 42 -1.69 -12.71 3.73
N LYS A 43 -2.64 -11.83 3.43
CA LYS A 43 -4.06 -12.19 3.43
C LYS A 43 -4.75 -11.79 2.14
N MET A 44 -4.58 -10.53 1.73
CA MET A 44 -5.25 -9.98 0.56
C MET A 44 -4.42 -8.83 0.00
N ASP A 45 -4.32 -8.75 -1.32
CA ASP A 45 -3.67 -7.59 -1.95
C ASP A 45 -4.63 -6.42 -2.02
N ILE A 46 -4.11 -5.22 -1.78
CA ILE A 46 -4.89 -4.00 -1.92
C ILE A 46 -4.60 -3.37 -3.27
N LEU A 47 -5.64 -3.26 -4.08
CA LEU A 47 -5.52 -2.75 -5.44
C LEU A 47 -6.09 -1.35 -5.48
N GLN A 48 -5.22 -0.36 -5.63
CA GLN A 48 -5.64 1.03 -5.62
C GLN A 48 -5.98 1.56 -7.02
N ARG A 49 -7.22 2.02 -7.19
CA ARG A 49 -7.66 2.62 -8.44
C ARG A 49 -8.45 3.90 -8.17
N GLY A 50 -7.72 4.94 -7.76
CA GLY A 50 -8.28 6.26 -7.52
C GLY A 50 -7.83 7.25 -8.57
N PHE A 51 -8.74 8.15 -8.96
CA PHE A 51 -8.47 9.11 -10.03
C PHE A 51 -8.93 10.50 -9.62
N LYS A 52 -7.94 11.33 -9.29
CA LYS A 52 -8.18 12.70 -8.82
C LYS A 52 -9.14 13.46 -9.73
N GLY A 53 -10.19 14.03 -9.14
CA GLY A 53 -11.11 14.92 -9.84
C GLY A 53 -12.19 14.20 -10.62
N TYR A 54 -12.18 12.87 -10.59
CA TYR A 54 -13.14 12.10 -11.37
C TYR A 54 -14.54 12.03 -10.75
N THR A 55 -15.53 11.89 -11.62
CA THR A 55 -16.94 11.74 -11.25
C THR A 55 -17.41 10.30 -11.45
N SER A 56 -18.65 10.04 -11.03
CA SER A 56 -19.29 8.74 -11.26
C SER A 56 -19.46 8.42 -12.74
N ARG A 57 -19.65 9.45 -13.57
CA ARG A 57 -19.82 9.26 -15.01
C ARG A 57 -18.51 8.76 -15.61
N TRP A 58 -17.42 9.44 -15.27
CA TRP A 58 -16.12 9.07 -15.82
C TRP A 58 -15.61 7.77 -15.22
N ALA A 59 -15.86 7.58 -13.92
CA ALA A 59 -15.47 6.32 -13.29
C ALA A 59 -16.22 5.13 -13.88
N LEU A 60 -17.47 5.34 -14.26
CA LEU A 60 -18.24 4.28 -14.90
C LEU A 60 -17.59 3.82 -16.22
N LYS A 61 -16.94 4.74 -16.93
CA LYS A 61 -16.21 4.40 -18.14
C LYS A 61 -14.96 3.54 -17.87
N ILE A 62 -14.28 3.83 -16.76
CA ILE A 62 -13.04 3.14 -16.37
C ILE A 62 -13.33 1.75 -15.83
N LEU A 63 -14.39 1.62 -15.03
CA LEU A 63 -14.60 0.38 -14.28
C LEU A 63 -14.55 -0.92 -15.12
N PRO A 64 -15.30 -1.00 -16.23
CA PRO A 64 -15.26 -2.28 -16.97
C PRO A 64 -13.88 -2.62 -17.51
N GLU A 65 -13.05 -1.60 -17.75
CA GLU A 65 -11.68 -1.81 -18.22
C GLU A 65 -10.77 -2.38 -17.14
N ILE A 66 -10.99 -1.95 -15.89
CA ILE A 66 -10.29 -2.53 -14.75
C ILE A 66 -10.69 -3.99 -14.54
N LEU A 67 -12.01 -4.25 -14.48
CA LEU A 67 -12.50 -5.57 -14.08
C LEU A 67 -12.21 -6.65 -15.11
N LYS A 68 -12.10 -6.27 -16.38
CA LYS A 68 -11.85 -7.24 -17.45
C LYS A 68 -10.42 -7.80 -17.39
N HIS A 69 -9.50 -7.03 -16.81
CA HIS A 69 -8.09 -7.40 -16.66
C HIS A 69 -7.87 -8.19 -15.39
N GLU A 70 -8.12 -7.50 -14.28
CA GLU A 70 -7.66 -7.87 -12.95
C GLU A 70 -8.31 -9.15 -12.48
N SER A 71 -7.47 -10.11 -12.13
CA SER A 71 -7.96 -11.38 -11.66
C SER A 71 -8.09 -11.37 -10.15
N ASN A 72 -9.13 -12.06 -9.68
CA ASN A 72 -9.30 -12.44 -8.28
C ASN A 72 -9.69 -11.27 -7.38
N ILE A 73 -10.32 -10.24 -7.95
CA ILE A 73 -10.92 -9.20 -7.09
C ILE A 73 -12.16 -9.82 -6.45
N VAL A 74 -12.25 -9.75 -5.12
CA VAL A 74 -13.35 -10.37 -4.37
C VAL A 74 -14.20 -9.34 -3.63
N MET A 75 -13.68 -8.13 -3.49
CA MET A 75 -14.34 -7.07 -2.70
C MET A 75 -13.86 -5.71 -3.19
N ALA A 76 -14.71 -4.70 -3.09
CA ALA A 76 -14.35 -3.39 -3.62
C ALA A 76 -15.09 -2.27 -2.96
N THR A 77 -14.38 -1.16 -2.69
CA THR A 77 -15.05 0.08 -2.31
C THR A 77 -15.37 0.90 -3.55
N ILE A 78 -16.51 1.60 -3.49
CA ILE A 78 -16.85 2.61 -4.46
C ILE A 78 -16.99 3.92 -3.69
N PHE A 79 -16.18 4.91 -4.01
CA PHE A 79 -16.22 6.20 -3.29
C PHE A 79 -16.17 7.35 -4.27
N LEU A 80 -17.37 7.75 -4.71
CA LEU A 80 -17.52 8.91 -5.60
C LEU A 80 -18.62 9.80 -5.02
N GLY A 81 -18.60 11.08 -5.38
CA GLY A 81 -19.59 12.01 -4.88
C GLY A 81 -19.01 13.34 -4.46
N ALA A 82 -17.77 13.34 -3.98
CA ALA A 82 -17.12 14.59 -3.52
C ALA A 82 -16.96 15.57 -4.69
N ASN A 83 -16.90 15.03 -5.91
CA ASN A 83 -16.90 15.86 -7.11
C ASN A 83 -18.29 16.01 -7.75
N ASP A 84 -19.01 14.88 -7.86
CA ASP A 84 -20.34 14.86 -8.47
C ASP A 84 -21.33 15.84 -7.82
N ALA A 85 -21.25 15.96 -6.49
CA ALA A 85 -22.15 16.83 -5.73
C ALA A 85 -21.82 18.32 -5.81
N CYS A 86 -20.76 18.69 -6.53
CA CYS A 86 -20.47 20.10 -6.82
C CYS A 86 -21.70 20.71 -7.50
N SER A 87 -22.04 21.95 -7.15
N SER A 87 -22.06 21.93 -7.13
CA SER A 87 -23.33 22.54 -7.50
CA SER A 87 -23.35 22.50 -7.52
C SER A 87 -23.47 22.95 -8.96
C SER A 87 -23.49 22.77 -9.02
N ALA A 88 -22.35 23.01 -9.68
CA ALA A 88 -22.31 23.40 -11.07
C ALA A 88 -20.93 23.10 -11.62
N GLY A 89 -20.78 23.23 -12.93
CA GLY A 89 -19.47 23.07 -13.56
C GLY A 89 -19.18 21.70 -14.11
N PRO A 90 -17.97 21.50 -14.65
CA PRO A 90 -17.64 20.27 -15.38
C PRO A 90 -17.64 18.98 -14.54
N GLN A 91 -17.49 19.11 -13.22
CA GLN A 91 -17.50 17.96 -12.32
C GLN A 91 -18.89 17.63 -11.75
N SER A 92 -19.87 18.52 -11.97
N SER A 92 -19.86 18.52 -11.98
CA SER A 92 -21.21 18.28 -11.43
CA SER A 92 -21.21 18.30 -11.49
C SER A 92 -21.94 17.19 -12.20
C SER A 92 -21.88 17.14 -12.22
N VAL A 93 -22.48 16.23 -11.46
CA VAL A 93 -23.32 15.17 -12.01
C VAL A 93 -24.63 15.14 -11.22
N PRO A 94 -25.76 15.33 -11.91
CA PRO A 94 -27.06 15.39 -11.24
C PRO A 94 -27.37 14.10 -10.49
N LEU A 95 -28.19 14.21 -9.45
CA LEU A 95 -28.46 13.07 -8.56
C LEU A 95 -29.02 11.82 -9.27
N PRO A 96 -30.00 11.97 -10.18
CA PRO A 96 -30.50 10.75 -10.80
C PRO A 96 -29.43 9.98 -11.58
N GLU A 97 -28.62 10.70 -12.36
CA GLU A 97 -27.54 10.05 -13.09
C GLU A 97 -26.49 9.49 -12.13
N PHE A 98 -26.15 10.28 -11.11
CA PHE A 98 -25.17 9.85 -10.11
C PHE A 98 -25.56 8.49 -9.53
N ILE A 99 -26.80 8.39 -9.05
CA ILE A 99 -27.28 7.15 -8.46
C ILE A 99 -27.31 6.01 -9.49
N ASP A 100 -27.74 6.32 -10.71
CA ASP A 100 -27.75 5.29 -11.74
C ASP A 100 -26.34 4.81 -12.07
N ASN A 101 -25.38 5.73 -12.10
CA ASN A 101 -23.97 5.40 -12.36
C ASN A 101 -23.41 4.48 -11.28
N ILE A 102 -23.64 4.83 -10.02
CA ILE A 102 -23.19 3.99 -8.91
C ILE A 102 -23.89 2.63 -8.94
N ARG A 103 -25.20 2.61 -9.22
CA ARG A 103 -25.94 1.36 -9.34
C ARG A 103 -25.35 0.45 -10.40
N GLN A 104 -25.03 1.02 -11.57
CA GLN A 104 -24.37 0.27 -12.64
C GLN A 104 -23.03 -0.32 -12.19
N MET A 105 -22.27 0.44 -11.41
CA MET A 105 -21.01 -0.08 -10.88
C MET A 105 -21.22 -1.27 -9.96
N VAL A 106 -22.22 -1.16 -9.09
CA VAL A 106 -22.57 -2.23 -8.17
C VAL A 106 -22.99 -3.50 -8.93
N SER A 107 -23.84 -3.31 -9.94
N SER A 107 -23.85 -3.32 -9.93
CA SER A 107 -24.35 -4.44 -10.73
CA SER A 107 -24.33 -4.45 -10.72
C SER A 107 -23.27 -5.10 -11.61
C SER A 107 -23.20 -5.11 -11.51
N LEU A 108 -22.35 -4.30 -12.13
CA LEU A 108 -21.19 -4.84 -12.85
C LEU A 108 -20.24 -5.60 -11.91
N MET A 109 -19.97 -5.03 -10.73
CA MET A 109 -19.16 -5.73 -9.73
C MET A 109 -19.77 -7.08 -9.36
N LYS A 110 -21.07 -7.10 -9.11
CA LYS A 110 -21.76 -8.34 -8.76
C LYS A 110 -21.66 -9.42 -9.84
N SER A 111 -21.71 -9.00 -11.11
N SER A 111 -21.72 -9.00 -11.10
CA SER A 111 -21.55 -9.94 -12.23
CA SER A 111 -21.56 -9.94 -12.22
C SER A 111 -20.16 -10.58 -12.29
C SER A 111 -20.20 -10.65 -12.13
N TYR A 112 -19.19 -9.92 -11.65
CA TYR A 112 -17.84 -10.47 -11.47
C TYR A 112 -17.68 -11.15 -10.10
N HIS A 113 -18.78 -11.27 -9.36
CA HIS A 113 -18.78 -11.85 -8.01
C HIS A 113 -17.94 -11.04 -7.03
N ILE A 114 -17.85 -9.73 -7.29
CA ILE A 114 -17.17 -8.79 -6.41
C ILE A 114 -18.17 -8.24 -5.40
N ARG A 115 -17.79 -8.25 -4.12
CA ARG A 115 -18.61 -7.71 -3.03
C ARG A 115 -18.44 -6.20 -2.90
N PRO A 116 -19.46 -5.40 -3.29
CA PRO A 116 -19.28 -3.93 -3.27
C PRO A 116 -19.53 -3.33 -1.89
N ILE A 117 -18.81 -2.23 -1.61
CA ILE A 117 -19.03 -1.43 -0.42
C ILE A 117 -19.17 0.01 -0.90
N ILE A 118 -20.28 0.67 -0.57
CA ILE A 118 -20.46 2.07 -1.00
C ILE A 118 -20.05 3.04 0.09
N ILE A 119 -19.21 4.00 -0.27
CA ILE A 119 -18.75 5.04 0.67
C ILE A 119 -19.43 6.37 0.36
N GLY A 120 -19.99 7.00 1.40
CA GLY A 120 -20.60 8.33 1.28
C GLY A 120 -19.58 9.44 1.55
N PRO A 121 -19.84 10.64 1.02
CA PRO A 121 -18.91 11.76 1.22
C PRO A 121 -18.76 12.17 2.67
N GLY A 122 -17.55 12.58 3.05
CA GLY A 122 -17.35 13.18 4.36
C GLY A 122 -17.78 14.64 4.41
N LEU A 123 -17.38 15.32 5.48
CA LEU A 123 -17.70 16.73 5.66
C LEU A 123 -16.80 17.59 4.80
N VAL A 124 -17.29 18.78 4.47
CA VAL A 124 -16.49 19.78 3.77
C VAL A 124 -16.34 20.97 4.71
N ASP A 125 -15.10 21.43 4.87
CA ASP A 125 -14.83 22.66 5.62
C ASP A 125 -14.91 23.78 4.60
N ARG A 126 -16.13 24.27 4.40
CA ARG A 126 -16.43 25.20 3.33
C ARG A 126 -15.64 26.51 3.47
N GLU A 127 -15.53 26.99 4.71
CA GLU A 127 -14.78 28.23 4.98
C GLU A 127 -13.36 28.13 4.41
N LYS A 128 -12.71 27.00 4.67
CA LYS A 128 -11.34 26.79 4.22
C LYS A 128 -11.29 26.53 2.72
N TRP A 129 -12.10 25.58 2.26
CA TRP A 129 -12.15 25.25 0.83
C TRP A 129 -12.34 26.46 -0.08
N GLU A 130 -13.29 27.32 0.26
CA GLU A 130 -13.62 28.45 -0.62
C GLU A 130 -12.53 29.51 -0.65
N LYS A 131 -11.69 29.54 0.39
CA LYS A 131 -10.56 30.48 0.42
C LYS A 131 -9.49 30.05 -0.57
N GLU A 132 -9.36 28.74 -0.80
CA GLU A 132 -8.40 28.22 -1.76
C GLU A 132 -8.96 28.24 -3.18
N LYS A 133 -10.24 27.86 -3.29
CA LYS A 133 -10.86 27.66 -4.60
C LYS A 133 -11.71 28.85 -5.06
N SER A 134 -11.26 30.06 -4.71
CA SER A 134 -12.00 31.27 -5.03
C SER A 134 -12.42 31.38 -6.49
N GLU A 135 -11.53 31.05 -7.40
CA GLU A 135 -11.85 31.19 -8.83
C GLU A 135 -13.00 30.27 -9.24
N GLU A 136 -12.97 29.03 -8.76
CA GLU A 136 -14.07 28.09 -8.97
C GLU A 136 -15.38 28.56 -8.31
N ILE A 137 -15.28 29.06 -7.09
CA ILE A 137 -16.45 29.56 -6.36
C ILE A 137 -17.10 30.75 -7.11
N ALA A 138 -16.26 31.58 -7.73
CA ALA A 138 -16.76 32.73 -8.49
C ALA A 138 -17.53 32.30 -9.75
N LEU A 139 -17.20 31.12 -10.27
CA LEU A 139 -17.95 30.53 -11.39
C LEU A 139 -19.25 29.90 -10.91
N GLY A 140 -19.39 29.75 -9.59
CA GLY A 140 -20.60 29.18 -8.98
C GLY A 140 -20.52 27.69 -8.68
N TYR A 141 -19.30 27.17 -8.56
CA TYR A 141 -19.07 25.74 -8.35
C TYR A 141 -18.88 25.43 -6.87
N PHE A 142 -19.99 25.36 -6.12
CA PHE A 142 -19.94 25.19 -4.68
C PHE A 142 -19.93 23.73 -4.29
N ARG A 143 -19.22 23.42 -3.21
CA ARG A 143 -19.35 22.14 -2.53
C ARG A 143 -19.88 22.41 -1.13
N THR A 144 -21.12 21.98 -0.89
CA THR A 144 -21.79 22.27 0.37
C THR A 144 -22.11 21.02 1.16
N ASN A 145 -22.12 21.14 2.49
CA ASN A 145 -22.52 20.00 3.32
C ASN A 145 -23.97 19.60 3.08
N GLU A 146 -24.81 20.57 2.74
CA GLU A 146 -26.22 20.30 2.46
C GLU A 146 -26.38 19.42 1.22
N ASN A 147 -25.64 19.73 0.16
CA ASN A 147 -25.74 18.96 -1.06
C ASN A 147 -25.06 17.61 -0.91
N PHE A 148 -23.91 17.58 -0.24
CA PHE A 148 -23.25 16.33 0.09
C PHE A 148 -24.20 15.40 0.87
N ALA A 149 -25.01 15.97 1.76
CA ALA A 149 -25.94 15.18 2.56
C ALA A 149 -27.06 14.56 1.72
N ILE A 150 -27.52 15.29 0.70
CA ILE A 150 -28.53 14.77 -0.23
C ILE A 150 -27.94 13.59 -1.01
N TYR A 151 -26.71 13.72 -1.46
CA TYR A 151 -26.06 12.63 -2.16
C TYR A 151 -25.79 11.45 -1.24
N SER A 152 -25.35 11.71 -0.01
CA SER A 152 -25.13 10.64 0.98
C SER A 152 -26.42 9.86 1.26
N ASP A 153 -27.52 10.57 1.49
CA ASP A 153 -28.80 9.93 1.77
C ASP A 153 -29.24 9.05 0.61
N ALA A 154 -29.01 9.52 -0.60
CA ALA A 154 -29.37 8.76 -1.79
C ALA A 154 -28.51 7.50 -1.94
N LEU A 155 -27.25 7.62 -1.56
CA LEU A 155 -26.36 6.45 -1.56
C LEU A 155 -26.78 5.41 -0.53
N ALA A 156 -27.19 5.86 0.67
CA ALA A 156 -27.69 4.95 1.70
C ALA A 156 -28.90 4.16 1.18
N LYS A 157 -29.80 4.86 0.49
CA LYS A 157 -31.00 4.25 -0.10
C LYS A 157 -30.66 3.22 -1.15
N LEU A 158 -29.77 3.60 -2.07
CA LEU A 158 -29.29 2.68 -3.09
C LEU A 158 -28.62 1.46 -2.48
N ALA A 159 -27.77 1.67 -1.48
CA ALA A 159 -27.06 0.57 -0.81
C ALA A 159 -28.04 -0.42 -0.19
N ASN A 160 -29.09 0.09 0.45
N ASN A 160 -29.09 0.09 0.45
CA ASN A 160 -30.12 -0.74 1.04
CA ASN A 160 -30.13 -0.74 1.04
C ASN A 160 -30.84 -1.57 -0.03
C ASN A 160 -30.89 -1.55 0.00
N GLU A 161 -31.18 -0.93 -1.14
CA GLU A 161 -31.85 -1.60 -2.27
C GLU A 161 -31.00 -2.72 -2.87
N GLU A 162 -29.69 -2.49 -2.93
CA GLU A 162 -28.79 -3.44 -3.57
C GLU A 162 -28.17 -4.42 -2.55
N LYS A 163 -28.58 -4.28 -1.29
CA LYS A 163 -28.10 -5.11 -0.17
C LYS A 163 -26.58 -5.13 -0.05
N VAL A 164 -26.00 -3.94 -0.17
CA VAL A 164 -24.56 -3.76 0.05
C VAL A 164 -24.35 -2.77 1.19
N PRO A 165 -23.22 -2.89 1.91
CA PRO A 165 -22.97 -1.95 3.00
C PRO A 165 -22.75 -0.51 2.52
N PHE A 166 -23.14 0.43 3.38
CA PHE A 166 -22.91 1.85 3.17
C PHE A 166 -22.13 2.41 4.36
N VAL A 167 -21.08 3.18 4.06
CA VAL A 167 -20.31 3.90 5.08
C VAL A 167 -20.66 5.38 5.02
N ALA A 168 -21.36 5.86 6.04
CA ALA A 168 -21.80 7.24 6.10
C ALA A 168 -20.73 8.09 6.76
N LEU A 169 -19.76 8.55 5.96
CA LEU A 169 -18.65 9.34 6.50
C LEU A 169 -19.06 10.69 7.05
N ASN A 170 -20.10 11.31 6.49
CA ASN A 170 -20.46 12.64 6.99
C ASN A 170 -20.87 12.57 8.47
N LYS A 171 -21.70 11.59 8.79
CA LYS A 171 -22.15 11.36 10.17
C LYS A 171 -21.02 10.87 11.07
N ALA A 172 -20.19 9.97 10.56
CA ALA A 172 -19.07 9.45 11.32
C ALA A 172 -18.08 10.57 11.66
N PHE A 173 -17.86 11.47 10.70
CA PHE A 173 -16.97 12.62 10.91
C PHE A 173 -17.53 13.53 11.99
N GLN A 174 -18.84 13.76 11.97
CA GLN A 174 -19.47 14.58 13.00
C GLN A 174 -19.37 13.96 14.39
N GLN A 175 -19.66 12.66 14.49
N GLN A 175 -19.68 12.67 14.48
CA GLN A 175 -19.70 11.98 15.77
CA GLN A 175 -19.70 11.95 15.75
C GLN A 175 -18.32 11.84 16.42
C GLN A 175 -18.30 11.91 16.40
N GLU A 176 -17.32 11.46 15.61
CA GLU A 176 -15.95 11.31 16.10
C GLU A 176 -15.19 12.63 16.20
N GLY A 177 -15.41 13.54 15.26
CA GLY A 177 -14.71 14.82 15.25
C GLY A 177 -15.26 15.84 16.22
N GLY A 178 -16.57 15.83 16.41
CA GLY A 178 -17.24 16.85 17.24
C GLY A 178 -16.88 18.25 16.78
N ASP A 179 -16.62 19.15 17.72
CA ASP A 179 -16.26 20.54 17.37
C ASP A 179 -14.92 20.66 16.66
N ALA A 180 -14.12 19.59 16.72
CA ALA A 180 -12.81 19.57 16.06
C ALA A 180 -12.87 18.97 14.65
N TRP A 181 -14.08 18.83 14.10
CA TRP A 181 -14.28 18.13 12.81
C TRP A 181 -13.44 18.67 11.66
N GLN A 182 -13.11 19.95 11.70
CA GLN A 182 -12.33 20.55 10.61
C GLN A 182 -10.96 19.93 10.47
N GLN A 183 -10.42 19.38 11.55
CA GLN A 183 -9.09 18.74 11.49
C GLN A 183 -9.10 17.36 10.85
N LEU A 184 -10.29 16.88 10.48
CA LEU A 184 -10.44 15.63 9.71
C LEU A 184 -10.14 15.82 8.23
N LEU A 185 -10.00 17.08 7.82
CA LEU A 185 -9.67 17.49 6.47
C LEU A 185 -8.34 18.23 6.46
N THR A 186 -7.71 18.25 5.30
CA THR A 186 -6.47 19.01 5.10
C THR A 186 -6.80 20.37 4.49
N ASP A 187 -7.23 20.37 3.23
CA ASP A 187 -7.56 21.58 2.47
C ASP A 187 -9.06 21.93 2.56
N GLY A 188 -9.81 21.17 3.35
CA GLY A 188 -11.24 21.40 3.54
C GLY A 188 -12.10 20.40 2.79
N LEU A 189 -11.50 19.66 1.88
CA LEU A 189 -12.21 18.61 1.14
C LEU A 189 -11.51 17.27 1.28
N HIS A 190 -10.22 17.26 1.00
CA HIS A 190 -9.43 16.05 1.13
C HIS A 190 -9.21 15.69 2.60
N PHE A 191 -8.98 14.41 2.86
CA PHE A 191 -8.91 13.90 4.23
C PHE A 191 -7.51 14.01 4.84
N SER A 192 -7.47 14.39 6.12
CA SER A 192 -6.25 14.26 6.93
C SER A 192 -6.12 12.82 7.42
N GLY A 193 -5.02 12.52 8.10
CA GLY A 193 -4.87 11.21 8.75
C GLY A 193 -6.03 10.88 9.68
N LYS A 194 -6.48 11.86 10.45
CA LYS A 194 -7.61 11.65 11.36
C LYS A 194 -8.90 11.31 10.62
N GLY A 195 -9.12 11.96 9.48
CA GLY A 195 -10.27 11.62 8.63
C GLY A 195 -10.14 10.21 8.07
N TYR A 196 -8.94 9.85 7.62
CA TYR A 196 -8.70 8.51 7.07
C TYR A 196 -8.83 7.39 8.11
N LYS A 197 -8.52 7.72 9.37
CA LYS A 197 -8.67 6.74 10.46
C LYS A 197 -10.14 6.43 10.73
N ILE A 198 -10.98 7.45 10.71
CA ILE A 198 -12.44 7.24 10.81
C ILE A 198 -12.95 6.40 9.63
N PHE A 199 -12.54 6.79 8.43
CA PHE A 199 -12.89 6.07 7.21
C PHE A 199 -12.48 4.60 7.39
N HIS A 200 -11.23 4.35 7.79
CA HIS A 200 -10.77 3.00 8.03
C HIS A 200 -11.64 2.19 8.99
N ASP A 201 -11.86 2.75 10.18
CA ASP A 201 -12.55 2.01 11.22
C ASP A 201 -14.00 1.70 10.83
N GLU A 202 -14.67 2.66 10.18
CA GLU A 202 -16.04 2.46 9.71
C GLU A 202 -16.12 1.42 8.61
N LEU A 203 -15.13 1.46 7.72
CA LEU A 203 -15.01 0.49 6.64
C LEU A 203 -14.86 -0.93 7.19
N LEU A 204 -13.93 -1.14 8.14
CA LEU A 204 -13.73 -2.46 8.69
C LEU A 204 -14.96 -2.97 9.42
N LYS A 205 -15.71 -2.08 10.08
CA LYS A 205 -16.94 -2.46 10.76
C LYS A 205 -17.97 -3.06 9.79
N VAL A 206 -18.18 -2.40 8.64
CA VAL A 206 -19.20 -2.91 7.70
C VAL A 206 -18.71 -4.18 7.00
N ILE A 207 -17.40 -4.31 6.84
CA ILE A 207 -16.84 -5.54 6.30
C ILE A 207 -17.14 -6.71 7.24
N GLU A 208 -16.89 -6.52 8.54
CA GLU A 208 -17.22 -7.60 9.48
C GLU A 208 -18.71 -7.98 9.44
N THR A 209 -19.58 -6.98 9.32
CA THR A 209 -21.02 -7.20 9.32
C THR A 209 -21.51 -7.89 8.04
N PHE A 210 -21.11 -7.36 6.89
CA PHE A 210 -21.63 -7.85 5.60
C PHE A 210 -20.81 -8.95 4.96
N TYR A 211 -19.49 -8.84 5.07
CA TYR A 211 -18.57 -9.71 4.36
C TYR A 211 -17.52 -10.27 5.32
N PRO A 212 -17.94 -10.96 6.41
CA PRO A 212 -17.00 -11.37 7.46
C PRO A 212 -15.80 -12.21 6.98
N GLN A 213 -16.00 -13.03 5.95
CA GLN A 213 -14.91 -13.87 5.45
C GLN A 213 -13.74 -13.05 4.92
N TYR A 214 -13.98 -11.77 4.63
CA TYR A 214 -12.93 -10.89 4.11
C TYR A 214 -12.50 -9.80 5.07
N HIS A 215 -12.87 -9.95 6.34
CA HIS A 215 -12.33 -9.12 7.41
C HIS A 215 -10.98 -9.71 7.78
N PRO A 216 -9.97 -8.87 8.11
CA PRO A 216 -8.65 -9.45 8.40
C PRO A 216 -8.64 -10.50 9.51
N LYS A 217 -9.53 -10.37 10.50
CA LYS A 217 -9.50 -11.30 11.64
C LYS A 217 -9.92 -12.72 11.24
N ASN A 218 -10.63 -12.83 10.11
CA ASN A 218 -11.18 -14.10 9.65
C ASN A 218 -10.42 -14.75 8.50
N MET A 219 -9.47 -14.02 7.92
CA MET A 219 -8.76 -14.51 6.75
C MET A 219 -7.52 -15.30 7.16
N GLN A 220 -7.21 -16.33 6.37
CA GLN A 220 -6.00 -17.11 6.55
C GLN A 220 -4.75 -16.28 6.28
N TYR A 221 -3.84 -16.27 7.25
CA TYR A 221 -2.52 -15.68 7.11
C TYR A 221 -1.71 -16.70 6.31
N LYS A 222 -1.31 -16.31 5.11
CA LYS A 222 -0.68 -17.26 4.16
C LYS A 222 0.73 -17.68 4.53
N LEU A 223 1.00 -18.96 4.27
CA LEU A 223 2.29 -19.62 4.52
C LEU A 223 2.56 -19.85 6.00
N LYS A 224 3.37 -20.88 6.29
CA LYS A 224 3.74 -21.22 7.66
C LYS A 224 4.39 -20.04 8.38
N ASP A 225 4.07 -19.86 9.66
CA ASP A 225 4.85 -19.01 10.57
C ASP A 225 6.28 -19.54 10.54
N TRP A 226 7.25 -18.64 10.50
CA TRP A 226 8.65 -19.05 10.38
C TRP A 226 9.08 -20.07 11.43
N ARG A 227 8.53 -19.96 12.64
CA ARG A 227 8.88 -20.87 13.73
C ARG A 227 8.42 -22.31 13.47
N ASP A 228 7.47 -22.46 12.55
CA ASP A 228 6.88 -23.76 12.21
C ASP A 228 7.41 -24.36 10.90
N VAL A 229 8.27 -23.62 10.20
CA VAL A 229 8.85 -24.11 8.94
C VAL A 229 9.93 -25.16 9.24
N LEU A 230 9.89 -26.27 8.51
CA LEU A 230 10.93 -27.30 8.64
C LEU A 230 12.22 -26.79 8.00
N ASP A 231 13.35 -27.31 8.48
CA ASP A 231 14.66 -26.83 8.03
C ASP A 231 14.77 -26.67 6.51
N ASP A 232 14.32 -27.69 5.78
CA ASP A 232 14.37 -27.70 4.31
C ASP A 232 13.24 -26.92 3.60
N GLY A 233 12.25 -26.45 4.35
CA GLY A 233 11.16 -25.66 3.79
C GLY A 233 10.07 -26.47 3.12
N SER A 234 10.02 -27.78 3.37
CA SER A 234 9.09 -28.67 2.67
C SER A 234 7.62 -28.42 3.02
N ASN A 235 7.37 -27.78 4.16
CA ASN A 235 6.02 -27.57 4.64
C ASN A 235 5.52 -26.13 4.49
N ILE A 236 6.30 -25.28 3.83
CA ILE A 236 5.93 -23.85 3.72
C ILE A 236 4.54 -23.63 3.12
N MET A 237 4.25 -24.38 2.05
CA MET A 237 3.01 -24.23 1.29
C MET A 237 1.95 -25.26 1.66
N SER A 238 2.17 -25.99 2.76
CA SER A 238 1.36 -27.18 3.09
C SER A 238 -0.13 -26.90 3.25
N LEU A 239 -0.47 -25.80 3.92
CA LEU A 239 -1.87 -25.48 4.22
C LEU A 239 -2.54 -24.60 3.16
N GLU A 240 -1.83 -24.35 2.06
CA GLU A 240 -2.33 -23.51 0.97
C GLU A 240 -3.12 -24.32 -0.05
N MET B 1 -6.37 -0.85 -18.90
CA MET B 1 -6.13 -0.73 -17.44
C MET B 1 -5.30 -1.89 -16.89
N ASP B 2 -4.18 -2.17 -17.55
CA ASP B 2 -3.20 -3.12 -17.03
C ASP B 2 -1.99 -2.31 -16.54
N TYR B 3 -1.75 -2.37 -15.23
CA TYR B 3 -0.60 -1.69 -14.62
C TYR B 3 0.56 -2.64 -14.51
N GLU B 4 1.76 -2.13 -14.74
CA GLU B 4 2.97 -2.86 -14.40
C GLU B 4 3.07 -2.98 -12.89
N LYS B 5 3.78 -4.00 -12.42
N LYS B 5 3.78 -4.01 -12.42
CA LYS B 5 3.93 -4.26 -10.99
CA LYS B 5 3.93 -4.30 -10.98
C LYS B 5 5.38 -4.15 -10.53
C LYS B 5 5.38 -4.14 -10.53
N PHE B 6 5.56 -3.61 -9.32
CA PHE B 6 6.85 -3.54 -8.65
C PHE B 6 6.74 -4.45 -7.43
N LEU B 7 7.45 -5.60 -7.48
CA LEU B 7 7.40 -6.59 -6.41
C LEU B 7 8.39 -6.27 -5.28
N LEU B 8 7.91 -6.26 -4.05
CA LEU B 8 8.79 -6.16 -2.89
C LEU B 8 8.86 -7.54 -2.24
N PHE B 9 10.02 -8.18 -2.33
CA PHE B 9 10.20 -9.56 -1.87
C PHE B 9 11.19 -9.61 -0.71
N GLY B 10 10.77 -10.19 0.40
CA GLY B 10 11.68 -10.32 1.52
C GLY B 10 11.10 -10.89 2.79
N ASP B 11 11.68 -10.47 3.91
CA ASP B 11 11.35 -11.00 5.22
C ASP B 11 10.47 -10.01 6.00
N SER B 12 10.55 -10.04 7.33
CA SER B 12 9.81 -9.08 8.17
C SER B 12 9.99 -7.61 7.78
N ILE B 13 11.18 -7.23 7.30
CA ILE B 13 11.40 -5.80 6.99
C ILE B 13 10.56 -5.39 5.77
N THR B 14 10.24 -6.36 4.93
CA THR B 14 9.29 -6.16 3.83
C THR B 14 7.84 -6.32 4.31
N GLU B 15 7.55 -7.32 5.14
CA GLU B 15 6.20 -7.53 5.65
C GLU B 15 5.70 -6.33 6.45
N PHE B 16 6.59 -5.71 7.21
CA PHE B 16 6.23 -4.62 8.15
C PHE B 16 6.26 -3.23 7.48
N ALA B 17 6.51 -3.19 6.17
CA ALA B 17 6.87 -1.92 5.50
C ALA B 17 5.72 -0.91 5.32
N PHE B 18 4.49 -1.33 5.63
CA PHE B 18 3.33 -0.45 5.47
C PHE B 18 2.75 0.01 6.80
N ASN B 19 3.37 -0.39 7.90
CA ASN B 19 2.84 -0.02 9.20
C ASN B 19 3.36 1.33 9.68
N THR B 20 2.46 2.31 9.80
CA THR B 20 2.82 3.64 10.31
C THR B 20 2.80 3.69 11.83
N ARG B 21 2.35 2.61 12.46
CA ARG B 21 2.26 2.57 13.92
C ARG B 21 2.98 1.35 14.50
N PRO B 22 4.33 1.30 14.35
CA PRO B 22 5.12 0.15 14.77
C PRO B 22 5.27 0.04 16.28
N ILE B 23 5.00 1.14 16.98
CA ILE B 23 5.07 1.19 18.43
C ILE B 23 3.70 1.59 18.96
N GLU B 24 3.37 1.18 20.17
CA GLU B 24 2.13 1.62 20.81
C GLU B 24 2.26 2.98 21.51
N ASP B 25 2.62 3.99 20.73
CA ASP B 25 2.60 5.37 21.19
C ASP B 25 1.52 6.16 20.46
N GLY B 26 0.77 5.46 19.61
CA GLY B 26 -0.31 6.06 18.83
C GLY B 26 0.21 6.83 17.62
N LYS B 27 1.39 7.43 17.77
CA LYS B 27 1.95 8.35 16.79
C LYS B 27 2.30 7.66 15.49
N ASP B 28 2.12 8.39 14.39
CA ASP B 28 2.39 7.84 13.06
C ASP B 28 3.83 8.10 12.59
N GLN B 29 4.38 7.09 11.94
CA GLN B 29 5.72 7.16 11.37
C GLN B 29 5.69 6.90 9.88
N TYR B 30 6.73 7.36 9.19
CA TYR B 30 6.89 7.09 7.76
C TYR B 30 6.89 5.58 7.49
N ALA B 31 6.25 5.18 6.40
CA ALA B 31 6.23 3.77 6.00
C ALA B 31 6.64 3.65 4.53
N LEU B 32 7.69 2.85 4.28
CA LEU B 32 8.21 2.68 2.94
C LEU B 32 7.12 2.30 1.94
N GLY B 33 6.31 1.31 2.30
CA GLY B 33 5.28 0.83 1.39
C GLY B 33 4.25 1.89 1.04
N ALA B 34 3.86 2.67 2.04
CA ALA B 34 2.92 3.79 1.84
C ALA B 34 3.49 4.81 0.86
N ALA B 35 4.75 5.19 1.05
CA ALA B 35 5.39 6.17 0.17
C ALA B 35 5.48 5.64 -1.25
N LEU B 36 5.85 4.36 -1.41
CA LEU B 36 5.92 3.76 -2.73
C LEU B 36 4.57 3.76 -3.44
N VAL B 37 3.52 3.29 -2.76
CA VAL B 37 2.20 3.27 -3.41
C VAL B 37 1.79 4.69 -3.82
N ASN B 38 1.99 5.66 -2.92
CA ASN B 38 1.65 7.05 -3.20
C ASN B 38 2.38 7.64 -4.41
N GLU B 39 3.70 7.51 -4.45
CA GLU B 39 4.45 8.13 -5.55
C GLU B 39 4.23 7.42 -6.89
N TYR B 40 3.89 6.14 -6.81
CA TYR B 40 3.60 5.35 -8.00
C TYR B 40 2.11 5.26 -8.31
N THR B 41 1.29 6.09 -7.65
CA THR B 41 -0.16 6.04 -7.91
C THR B 41 -0.46 6.38 -9.37
N ARG B 42 -1.36 5.59 -9.98
CA ARG B 42 -1.67 5.70 -11.42
C ARG B 42 -0.43 5.49 -12.31
N LYS B 43 0.58 4.80 -11.77
CA LYS B 43 1.81 4.53 -12.52
C LYS B 43 2.20 3.06 -12.47
N MET B 44 2.32 2.50 -11.26
CA MET B 44 2.71 1.12 -11.07
C MET B 44 2.10 0.58 -9.78
N ASP B 45 1.61 -0.66 -9.83
CA ASP B 45 1.13 -1.33 -8.63
C ASP B 45 2.29 -1.84 -7.80
N ILE B 46 2.17 -1.69 -6.49
CA ILE B 46 3.16 -2.21 -5.55
C ILE B 46 2.64 -3.54 -5.01
N LEU B 47 3.40 -4.60 -5.26
CA LEU B 47 3.02 -5.95 -4.85
C LEU B 47 3.90 -6.37 -3.69
N GLN B 48 3.29 -6.50 -2.52
CA GLN B 48 4.03 -6.80 -1.29
C GLN B 48 4.08 -8.29 -1.01
N ARG B 49 5.30 -8.84 -0.98
CA ARG B 49 5.49 -10.25 -0.65
C ARG B 49 6.61 -10.41 0.37
N GLY B 50 6.30 -10.04 1.62
CA GLY B 50 7.22 -10.15 2.74
C GLY B 50 6.73 -11.19 3.71
N PHE B 51 7.68 -11.93 4.27
CA PHE B 51 7.37 -13.07 5.12
C PHE B 51 8.26 -13.05 6.36
N LYS B 52 7.68 -12.59 7.46
CA LYS B 52 8.40 -12.42 8.73
C LYS B 52 9.20 -13.67 9.15
N GLY B 53 10.48 -13.46 9.45
CA GLY B 53 11.34 -14.52 9.95
C GLY B 53 11.92 -15.45 8.89
N TYR B 54 11.60 -15.19 7.63
CA TYR B 54 12.07 -16.07 6.54
C TYR B 54 13.50 -15.85 6.12
N THR B 55 14.10 -16.91 5.61
CA THR B 55 15.48 -16.91 5.15
C THR B 55 15.51 -16.98 3.63
N SER B 56 16.71 -16.86 3.05
CA SER B 56 16.89 -16.99 1.61
C SER B 56 16.51 -18.39 1.09
N ARG B 57 16.72 -19.41 1.92
CA ARG B 57 16.37 -20.79 1.58
C ARG B 57 14.87 -20.98 1.44
N TRP B 58 14.13 -20.47 2.42
CA TRP B 58 12.68 -20.60 2.40
C TRP B 58 12.08 -19.69 1.33
N ALA B 59 12.65 -18.49 1.20
CA ALA B 59 12.18 -17.52 0.22
C ALA B 59 12.37 -18.05 -1.20
N LEU B 60 13.47 -18.76 -1.44
CA LEU B 60 13.73 -19.38 -2.73
C LEU B 60 12.65 -20.38 -3.12
N LYS B 61 12.10 -21.09 -2.13
CA LYS B 61 11.02 -22.06 -2.36
C LYS B 61 9.73 -21.37 -2.82
N ILE B 62 9.48 -20.17 -2.28
CA ILE B 62 8.21 -19.51 -2.55
C ILE B 62 8.23 -18.61 -3.78
N LEU B 63 9.41 -18.14 -4.18
CA LEU B 63 9.50 -17.20 -5.29
C LEU B 63 8.90 -17.70 -6.62
N PRO B 64 9.18 -18.95 -7.02
CA PRO B 64 8.59 -19.42 -8.31
C PRO B 64 7.07 -19.42 -8.31
N GLU B 65 6.47 -19.69 -7.15
CA GLU B 65 5.03 -19.65 -6.99
C GLU B 65 4.44 -18.26 -7.20
N ILE B 66 5.12 -17.25 -6.67
CA ILE B 66 4.74 -15.85 -6.87
C ILE B 66 4.82 -15.47 -8.35
N LEU B 67 5.96 -15.79 -8.98
CA LEU B 67 6.19 -15.37 -10.37
C LEU B 67 5.30 -16.07 -11.39
N LYS B 68 4.83 -17.26 -11.04
CA LYS B 68 3.90 -18.03 -11.88
C LYS B 68 2.51 -17.40 -11.93
N HIS B 69 2.07 -16.86 -10.79
CA HIS B 69 0.70 -16.34 -10.66
C HIS B 69 0.60 -14.90 -11.14
N GLU B 70 1.59 -14.09 -10.79
CA GLU B 70 1.50 -12.66 -11.03
C GLU B 70 1.93 -12.31 -12.45
N SER B 71 1.20 -11.41 -13.08
CA SER B 71 1.53 -10.95 -14.40
C SER B 71 2.07 -9.53 -14.35
N ASN B 72 2.91 -9.20 -15.32
CA ASN B 72 3.39 -7.85 -15.55
C ASN B 72 4.27 -7.26 -14.44
N ILE B 73 4.98 -8.11 -13.72
CA ILE B 73 6.03 -7.61 -12.82
C ILE B 73 7.20 -7.18 -13.70
N VAL B 74 7.63 -5.93 -13.52
CA VAL B 74 8.72 -5.37 -14.32
C VAL B 74 9.99 -5.10 -13.52
N MET B 75 9.87 -5.06 -12.19
CA MET B 75 10.96 -4.70 -11.30
C MET B 75 10.68 -5.30 -9.94
N ALA B 76 11.72 -5.62 -9.18
CA ALA B 76 11.53 -6.20 -7.86
C ALA B 76 12.73 -6.00 -6.96
N THR B 77 12.44 -5.81 -5.68
CA THR B 77 13.49 -5.84 -4.66
C THR B 77 13.62 -7.25 -4.08
N ILE B 78 14.86 -7.60 -3.74
CA ILE B 78 15.14 -8.78 -2.94
C ILE B 78 15.81 -8.29 -1.66
N PHE B 79 15.20 -8.54 -0.50
CA PHE B 79 15.79 -8.10 0.76
C PHE B 79 15.74 -9.21 1.81
N LEU B 80 16.80 -10.00 1.82
CA LEU B 80 16.98 -11.07 2.80
C LEU B 80 18.37 -10.98 3.37
N GLY B 81 18.54 -11.54 4.57
CA GLY B 81 19.84 -11.57 5.22
C GLY B 81 19.79 -11.23 6.69
N ALA B 82 18.80 -10.42 7.09
CA ALA B 82 18.65 -10.03 8.51
C ALA B 82 18.41 -11.26 9.37
N ASN B 83 17.86 -12.30 8.76
CA ASN B 83 17.71 -13.59 9.43
C ASN B 83 18.84 -14.57 9.14
N ASP B 84 19.18 -14.72 7.86
CA ASP B 84 20.23 -15.64 7.40
C ASP B 84 21.55 -15.42 8.12
N ALA B 85 21.87 -14.16 8.42
CA ALA B 85 23.15 -13.80 9.01
C ALA B 85 23.24 -14.09 10.51
N CYS B 86 22.14 -14.53 11.12
CA CYS B 86 22.16 -14.97 12.52
C CYS B 86 23.23 -16.06 12.65
N SER B 87 23.97 -16.02 13.74
N SER B 87 23.99 -16.02 13.74
CA SER B 87 25.20 -16.83 13.89
CA SER B 87 25.20 -16.84 13.87
C SER B 87 24.99 -18.33 14.09
C SER B 87 24.93 -18.34 13.93
N ALA B 88 23.76 -18.71 14.45
CA ALA B 88 23.38 -20.11 14.67
C ALA B 88 21.87 -20.22 14.73
N GLY B 89 21.37 -21.45 14.82
CA GLY B 89 19.94 -21.67 15.02
C GLY B 89 19.17 -21.86 13.74
N PRO B 90 17.85 -22.03 13.84
CA PRO B 90 17.04 -22.41 12.68
C PRO B 90 16.97 -21.37 11.55
N GLN B 91 17.28 -20.12 11.85
CA GLN B 91 17.28 -19.08 10.82
C GLN B 91 18.63 -18.88 10.15
N SER B 92 19.67 -19.50 10.70
CA SER B 92 21.01 -19.36 10.12
C SER B 92 21.14 -20.06 8.77
N VAL B 93 21.67 -19.33 7.80
CA VAL B 93 21.98 -19.84 6.48
C VAL B 93 23.41 -19.40 6.15
N PRO B 94 24.31 -20.38 5.94
CA PRO B 94 25.72 -20.10 5.69
C PRO B 94 25.93 -19.25 4.45
N LEU B 95 27.03 -18.49 4.43
CA LEU B 95 27.28 -17.53 3.35
C LEU B 95 27.23 -18.09 1.92
N PRO B 96 27.87 -19.26 1.65
CA PRO B 96 27.83 -19.74 0.27
C PRO B 96 26.42 -20.10 -0.19
N GLU B 97 25.65 -20.78 0.67
CA GLU B 97 24.27 -21.09 0.32
C GLU B 97 23.43 -19.80 0.18
N PHE B 98 23.59 -18.88 1.13
CA PHE B 98 22.88 -17.60 1.07
C PHE B 98 23.07 -16.92 -0.29
N ILE B 99 24.34 -16.74 -0.68
CA ILE B 99 24.66 -16.09 -1.95
C ILE B 99 24.10 -16.86 -3.15
N ASP B 100 24.19 -18.18 -3.12
CA ASP B 100 23.63 -18.98 -4.21
C ASP B 100 22.11 -18.87 -4.27
N ASN B 101 21.48 -18.84 -3.10
CA ASN B 101 20.02 -18.67 -3.01
C ASN B 101 19.59 -17.34 -3.63
N ILE B 102 20.29 -16.27 -3.28
CA ILE B 102 19.99 -14.95 -3.83
C ILE B 102 20.27 -14.94 -5.35
N ARG B 103 21.38 -15.57 -5.77
CA ARG B 103 21.72 -15.65 -7.18
C ARG B 103 20.61 -16.36 -7.99
N GLN B 104 20.09 -17.45 -7.44
CA GLN B 104 18.99 -18.16 -8.07
C GLN B 104 17.74 -17.28 -8.22
N MET B 105 17.46 -16.47 -7.20
CA MET B 105 16.33 -15.54 -7.25
C MET B 105 16.52 -14.49 -8.34
N VAL B 106 17.74 -13.95 -8.44
CA VAL B 106 18.08 -12.96 -9.47
C VAL B 106 17.91 -13.57 -10.86
N SER B 107 18.43 -14.79 -11.03
CA SER B 107 18.31 -15.51 -12.30
C SER B 107 16.86 -15.79 -12.69
N LEU B 108 16.06 -16.24 -11.71
CA LEU B 108 14.66 -16.49 -11.95
C LEU B 108 13.93 -15.20 -12.36
N MET B 109 14.21 -14.11 -11.64
CA MET B 109 13.61 -12.83 -11.99
C MET B 109 13.99 -12.42 -13.41
N LYS B 110 15.28 -12.46 -13.73
CA LYS B 110 15.74 -12.16 -15.09
C LYS B 110 15.02 -13.00 -16.17
N SER B 111 14.71 -14.25 -15.84
N SER B 111 14.72 -14.26 -15.83
CA SER B 111 14.02 -15.14 -16.77
CA SER B 111 13.99 -15.17 -16.71
C SER B 111 12.58 -14.69 -17.06
C SER B 111 12.63 -14.60 -17.11
N TYR B 112 12.03 -13.85 -16.18
CA TYR B 112 10.71 -13.22 -16.39
C TYR B 112 10.81 -11.76 -16.85
N HIS B 113 12.05 -11.35 -17.19
CA HIS B 113 12.39 -9.98 -17.60
C HIS B 113 12.12 -8.97 -16.49
N ILE B 114 12.17 -9.45 -15.25
CA ILE B 114 12.02 -8.59 -14.09
C ILE B 114 13.37 -7.97 -13.76
N ARG B 115 13.36 -6.65 -13.51
CA ARG B 115 14.57 -5.92 -13.17
C ARG B 115 14.85 -6.03 -11.68
N PRO B 116 15.90 -6.78 -11.29
CA PRO B 116 16.07 -6.99 -9.85
C PRO B 116 16.88 -5.89 -9.19
N ILE B 117 16.59 -5.68 -7.91
CA ILE B 117 17.36 -4.78 -7.04
C ILE B 117 17.68 -5.55 -5.77
N ILE B 118 18.96 -5.62 -5.39
CA ILE B 118 19.35 -6.31 -4.16
C ILE B 118 19.53 -5.32 -3.01
N ILE B 119 18.90 -5.64 -1.88
CA ILE B 119 19.00 -4.81 -0.69
C ILE B 119 19.85 -5.52 0.36
N GLY B 120 20.83 -4.81 0.92
CA GLY B 120 21.68 -5.37 1.98
C GLY B 120 21.15 -5.08 3.37
N PRO B 121 21.53 -5.90 4.35
CA PRO B 121 21.06 -5.67 5.72
C PRO B 121 21.45 -4.31 6.25
N GLY B 122 20.59 -3.71 7.07
CA GLY B 122 20.93 -2.50 7.78
C GLY B 122 21.68 -2.84 9.05
N LEU B 123 21.77 -1.88 9.96
CA LEU B 123 22.47 -2.11 11.23
C LEU B 123 21.60 -2.80 12.25
N VAL B 124 22.26 -3.41 13.23
CA VAL B 124 21.60 -3.98 14.40
C VAL B 124 22.04 -3.21 15.63
N ASP B 125 21.09 -2.78 16.45
CA ASP B 125 21.39 -2.21 17.76
C ASP B 125 21.51 -3.41 18.69
N ARG B 126 22.72 -3.95 18.79
CA ARG B 126 22.96 -5.20 19.50
C ARG B 126 22.63 -5.11 20.99
N GLU B 127 23.02 -4.01 21.62
CA GLU B 127 22.70 -3.77 23.02
C GLU B 127 21.19 -3.90 23.29
N LYS B 128 20.39 -3.30 22.43
CA LYS B 128 18.94 -3.31 22.58
C LYS B 128 18.36 -4.68 22.21
N TRP B 129 18.77 -5.20 21.05
CA TRP B 129 18.27 -6.49 20.56
C TRP B 129 18.50 -7.62 21.57
N GLU B 130 19.69 -7.67 22.16
CA GLU B 130 20.06 -8.77 23.04
C GLU B 130 19.34 -8.73 24.37
N LYS B 131 18.88 -7.54 24.77
CA LYS B 131 18.02 -7.43 25.95
C LYS B 131 16.65 -8.04 25.68
N GLU B 132 16.01 -7.65 24.58
N GLU B 132 16.01 -7.63 24.60
CA GLU B 132 14.68 -8.15 24.25
CA GLU B 132 14.70 -8.14 24.22
C GLU B 132 14.67 -9.61 23.81
C GLU B 132 14.75 -9.62 23.92
N LYS B 133 15.76 -10.04 23.16
CA LYS B 133 15.87 -11.42 22.67
C LYS B 133 16.86 -12.24 23.49
N SER B 134 16.90 -12.02 24.79
CA SER B 134 17.81 -12.76 25.67
C SER B 134 17.71 -14.28 25.53
N GLU B 135 16.51 -14.80 25.30
CA GLU B 135 16.32 -16.24 25.13
C GLU B 135 17.10 -16.76 23.92
N GLU B 136 17.03 -16.03 22.81
CA GLU B 136 17.78 -16.40 21.62
C GLU B 136 19.29 -16.33 21.86
N ILE B 137 19.72 -15.25 22.50
CA ILE B 137 21.14 -15.05 22.80
C ILE B 137 21.70 -16.18 23.70
N ALA B 138 20.90 -16.62 24.67
CA ALA B 138 21.27 -17.75 25.52
C ALA B 138 21.59 -19.00 24.69
N LEU B 139 20.86 -19.18 23.60
CA LEU B 139 21.06 -20.33 22.69
C LEU B 139 22.26 -20.12 21.76
N GLY B 140 22.79 -18.91 21.75
CA GLY B 140 23.93 -18.55 20.89
C GLY B 140 23.56 -18.01 19.52
N TYR B 141 22.31 -17.57 19.38
CA TYR B 141 21.83 -17.05 18.10
C TYR B 141 22.06 -15.54 18.01
N PHE B 142 23.31 -15.15 17.75
CA PHE B 142 23.68 -13.74 17.72
C PHE B 142 23.41 -13.10 16.37
N ARG B 143 22.95 -11.86 16.41
CA ARG B 143 22.93 -11.03 15.21
C ARG B 143 23.90 -9.89 15.42
N THR B 144 24.99 -9.91 14.66
CA THR B 144 26.06 -8.94 14.86
C THR B 144 26.24 -8.08 13.61
N ASN B 145 26.71 -6.86 13.82
CA ASN B 145 27.02 -5.98 12.71
C ASN B 145 28.19 -6.50 11.87
N GLU B 146 29.11 -7.22 12.50
CA GLU B 146 30.24 -7.80 11.81
C GLU B 146 29.78 -8.83 10.77
N ASN B 147 28.84 -9.68 11.17
CA ASN B 147 28.32 -10.71 10.29
C ASN B 147 27.41 -10.14 9.22
N PHE B 148 26.60 -9.16 9.61
CA PHE B 148 25.75 -8.42 8.68
C PHE B 148 26.60 -7.74 7.60
N ALA B 149 27.74 -7.18 8.00
CA ALA B 149 28.70 -6.60 7.04
C ALA B 149 29.31 -7.63 6.08
N ILE B 150 29.65 -8.80 6.61
CA ILE B 150 30.10 -9.93 5.77
C ILE B 150 29.04 -10.28 4.71
N TYR B 151 27.79 -10.40 5.14
CA TYR B 151 26.70 -10.71 4.22
C TYR B 151 26.44 -9.58 3.22
N SER B 152 26.52 -8.33 3.69
CA SER B 152 26.34 -7.16 2.82
C SER B 152 27.42 -7.08 1.74
N ASP B 153 28.67 -7.30 2.15
CA ASP B 153 29.80 -7.32 1.23
C ASP B 153 29.64 -8.39 0.15
N ALA B 154 29.18 -9.57 0.54
CA ALA B 154 28.98 -10.67 -0.40
C ALA B 154 27.82 -10.35 -1.35
N LEU B 155 26.80 -9.66 -0.85
CA LEU B 155 25.70 -9.21 -1.71
C LEU B 155 26.13 -8.13 -2.70
N ALA B 156 27.00 -7.21 -2.28
CA ALA B 156 27.58 -6.21 -3.18
C ALA B 156 28.35 -6.88 -4.32
N LYS B 157 29.11 -7.91 -3.99
CA LYS B 157 29.88 -8.68 -4.99
C LYS B 157 28.95 -9.40 -5.97
N LEU B 158 27.93 -10.06 -5.44
CA LEU B 158 26.96 -10.78 -6.25
C LEU B 158 26.24 -9.82 -7.18
N ALA B 159 25.84 -8.67 -6.64
CA ALA B 159 25.13 -7.65 -7.43
C ALA B 159 25.96 -7.21 -8.62
N ASN B 160 27.24 -6.95 -8.38
N ASN B 160 27.24 -6.95 -8.38
CA ASN B 160 28.17 -6.58 -9.45
CA ASN B 160 28.16 -6.58 -9.46
C ASN B 160 28.28 -7.67 -10.52
C ASN B 160 28.28 -7.67 -10.52
N GLU B 161 28.40 -8.93 -10.08
CA GLU B 161 28.52 -10.08 -10.99
C GLU B 161 27.27 -10.29 -11.85
N GLU B 162 26.10 -10.08 -11.24
CA GLU B 162 24.83 -10.18 -11.95
C GLU B 162 24.39 -8.86 -12.61
N LYS B 163 25.18 -7.81 -12.45
CA LYS B 163 24.90 -6.49 -13.06
C LYS B 163 23.52 -5.95 -12.65
N VAL B 164 23.24 -6.02 -11.35
CA VAL B 164 22.03 -5.44 -10.78
C VAL B 164 22.43 -4.44 -9.69
N PRO B 165 21.57 -3.44 -9.41
CA PRO B 165 21.88 -2.48 -8.34
C PRO B 165 21.86 -3.12 -6.97
N PHE B 166 22.68 -2.57 -6.08
CA PHE B 166 22.74 -2.98 -4.69
C PHE B 166 22.51 -1.77 -3.80
N VAL B 167 21.65 -1.92 -2.81
CA VAL B 167 21.39 -0.87 -1.84
C VAL B 167 22.06 -1.25 -0.53
N ALA B 168 23.17 -0.58 -0.22
CA ALA B 168 23.95 -0.87 0.98
C ALA B 168 23.39 -0.10 2.16
N LEU B 169 22.36 -0.68 2.78
CA LEU B 169 21.73 -0.05 3.93
C LEU B 169 22.65 0.07 5.13
N ASN B 170 23.61 -0.84 5.30
CA ASN B 170 24.47 -0.71 6.48
C ASN B 170 25.31 0.57 6.44
N LYS B 171 25.83 0.91 5.27
CA LYS B 171 26.52 2.19 5.07
C LYS B 171 25.56 3.38 5.12
N ALA B 172 24.42 3.28 4.45
CA ALA B 172 23.45 4.38 4.42
C ALA B 172 22.97 4.73 5.82
N PHE B 173 22.79 3.71 6.67
CA PHE B 173 22.35 3.92 8.05
C PHE B 173 23.37 4.70 8.90
N GLN B 174 24.65 4.67 8.50
CA GLN B 174 25.73 5.35 9.23
C GLN B 174 25.92 6.83 8.86
N GLN B 175 25.03 7.35 8.02
CA GLN B 175 25.23 8.64 7.30
C GLN B 175 25.45 9.89 8.14
N GLU B 176 24.83 9.95 9.31
CA GLU B 176 24.95 11.12 10.21
C GLU B 176 26.06 10.98 11.25
N GLY B 177 26.61 9.77 11.38
CA GLY B 177 27.64 9.50 12.38
C GLY B 177 27.08 9.47 13.79
N GLY B 178 27.99 9.40 14.76
CA GLY B 178 27.61 9.34 16.17
C GLY B 178 26.65 8.21 16.46
N ASP B 179 25.63 8.53 17.24
CA ASP B 179 24.66 7.52 17.68
C ASP B 179 23.31 7.65 16.94
N ALA B 180 23.26 8.54 15.94
CA ALA B 180 22.03 8.80 15.17
C ALA B 180 21.36 7.54 14.59
N TRP B 181 22.17 6.57 14.19
CA TRP B 181 21.68 5.34 13.58
C TRP B 181 20.72 4.54 14.46
N GLN B 182 20.83 4.68 15.78
CA GLN B 182 19.96 3.95 16.71
C GLN B 182 18.47 4.28 16.54
N GLN B 183 18.19 5.47 16.01
CA GLN B 183 16.81 5.92 15.79
C GLN B 183 16.18 5.31 14.55
N LEU B 184 17.00 4.64 13.75
CA LEU B 184 16.53 4.03 12.49
C LEU B 184 15.89 2.66 12.72
N LEU B 185 15.96 2.19 13.97
CA LEU B 185 15.44 0.88 14.36
C LEU B 185 14.40 1.01 15.48
N THR B 186 13.44 0.10 15.51
CA THR B 186 12.41 0.08 16.54
C THR B 186 12.85 -0.77 17.72
N ASP B 187 13.10 -2.05 17.44
CA ASP B 187 13.46 -3.04 18.46
C ASP B 187 14.93 -3.43 18.36
N GLY B 188 15.68 -2.69 17.56
CA GLY B 188 17.11 -3.00 17.37
C GLY B 188 17.40 -3.78 16.11
N LEU B 189 16.35 -4.25 15.42
CA LEU B 189 16.53 -4.96 14.15
C LEU B 189 15.58 -4.44 13.08
N HIS B 190 14.29 -4.37 13.42
CA HIS B 190 13.29 -3.88 12.50
C HIS B 190 13.38 -2.36 12.36
N PHE B 191 12.87 -1.82 11.25
CA PHE B 191 13.10 -0.41 10.93
C PHE B 191 12.02 0.49 11.53
N SER B 192 12.44 1.65 12.01
CA SER B 192 11.52 2.73 12.33
C SER B 192 11.17 3.48 11.05
N GLY B 193 10.27 4.46 11.16
CA GLY B 193 9.99 5.37 10.05
C GLY B 193 11.24 6.03 9.46
N LYS B 194 12.13 6.50 10.34
CA LYS B 194 13.40 7.10 9.91
C LYS B 194 14.24 6.10 9.11
N GLY B 195 14.30 4.85 9.56
CA GLY B 195 14.97 3.78 8.82
C GLY B 195 14.35 3.52 7.47
N TYR B 196 13.02 3.46 7.43
CA TYR B 196 12.30 3.24 6.18
C TYR B 196 12.47 4.38 5.17
N LYS B 197 12.65 5.60 5.67
CA LYS B 197 12.86 6.76 4.81
C LYS B 197 14.22 6.68 4.11
N ILE B 198 15.25 6.31 4.85
CA ILE B 198 16.58 6.10 4.25
C ILE B 198 16.51 4.96 3.22
N PHE B 199 15.93 3.83 3.62
CA PHE B 199 15.67 2.72 2.69
C PHE B 199 14.97 3.23 1.42
N HIS B 200 13.88 3.97 1.57
CA HIS B 200 13.16 4.51 0.41
C HIS B 200 14.06 5.36 -0.51
N ASP B 201 14.76 6.30 0.10
CA ASP B 201 15.50 7.29 -0.69
C ASP B 201 16.66 6.62 -1.41
N GLU B 202 17.32 5.66 -0.77
CA GLU B 202 18.43 4.94 -1.40
C GLU B 202 17.90 4.00 -2.49
N LEU B 203 16.74 3.41 -2.25
CA LEU B 203 16.10 2.57 -3.24
C LEU B 203 15.77 3.36 -4.51
N LEU B 204 15.20 4.54 -4.34
CA LEU B 204 14.83 5.35 -5.49
C LEU B 204 16.05 5.86 -6.26
N LYS B 205 17.15 6.07 -5.56
CA LYS B 205 18.40 6.49 -6.19
C LYS B 205 18.92 5.41 -7.16
N VAL B 206 18.94 4.15 -6.71
CA VAL B 206 19.40 3.09 -7.60
C VAL B 206 18.41 2.85 -8.76
N ILE B 207 17.12 3.06 -8.50
CA ILE B 207 16.14 2.97 -9.59
C ILE B 207 16.41 4.04 -10.67
N GLU B 208 16.69 5.27 -10.28
CA GLU B 208 16.99 6.29 -11.28
C GLU B 208 18.25 5.94 -12.07
N THR B 209 19.27 5.45 -11.39
CA THR B 209 20.53 5.08 -12.02
C THR B 209 20.41 3.91 -12.99
N PHE B 210 19.77 2.81 -12.55
CA PHE B 210 19.72 1.57 -13.34
C PHE B 210 18.46 1.45 -14.20
N TYR B 211 17.33 1.83 -13.64
CA TYR B 211 16.04 1.57 -14.27
C TYR B 211 15.21 2.86 -14.37
N PRO B 212 15.76 3.91 -15.00
CA PRO B 212 15.08 5.22 -14.92
C PRO B 212 13.64 5.24 -15.47
N GLN B 213 13.32 4.37 -16.42
CA GLN B 213 11.97 4.35 -16.99
C GLN B 213 10.94 3.95 -15.94
N TYR B 214 11.40 3.35 -14.85
CA TYR B 214 10.51 2.93 -13.76
C TYR B 214 10.69 3.73 -12.48
N HIS B 215 11.35 4.88 -12.59
CA HIS B 215 11.37 5.86 -11.50
C HIS B 215 10.06 6.65 -11.59
N PRO B 216 9.44 7.00 -10.43
CA PRO B 216 8.15 7.67 -10.48
C PRO B 216 8.12 8.92 -11.36
N LYS B 217 9.20 9.68 -11.37
CA LYS B 217 9.20 10.93 -12.13
C LYS B 217 9.20 10.76 -13.65
N ASN B 218 9.56 9.57 -14.12
CA ASN B 218 9.62 9.27 -15.56
C ASN B 218 8.46 8.44 -16.09
N MET B 219 7.65 7.89 -15.20
CA MET B 219 6.55 7.03 -15.62
C MET B 219 5.33 7.85 -16.00
N GLN B 220 4.60 7.36 -17.00
CA GLN B 220 3.36 7.97 -17.45
C GLN B 220 2.28 7.85 -16.37
N TYR B 221 1.69 8.98 -16.01
CA TYR B 221 0.57 9.07 -15.08
C TYR B 221 -0.66 8.65 -15.88
N LYS B 222 -1.26 7.51 -15.51
CA LYS B 222 -2.30 6.89 -16.32
C LYS B 222 -3.64 7.62 -16.31
N LEU B 223 -4.25 7.68 -17.49
CA LEU B 223 -5.56 8.30 -17.76
C LEU B 223 -5.51 9.82 -17.74
N LYS B 224 -6.45 10.44 -18.44
CA LYS B 224 -6.49 11.89 -18.57
C LYS B 224 -6.57 12.57 -17.21
N ASP B 225 -5.86 13.70 -17.09
CA ASP B 225 -6.07 14.61 -15.98
C ASP B 225 -7.54 15.03 -16.06
N TRP B 226 -8.21 15.08 -14.91
CA TRP B 226 -9.64 15.37 -14.91
C TRP B 226 -10.03 16.64 -15.68
N ARG B 227 -9.16 17.65 -15.66
CA ARG B 227 -9.43 18.93 -16.34
C ARG B 227 -9.48 18.79 -17.86
N ASP B 228 -8.90 17.71 -18.36
CA ASP B 228 -8.83 17.42 -19.80
C ASP B 228 -9.85 16.41 -20.27
N VAL B 229 -10.61 15.83 -19.35
CA VAL B 229 -11.64 14.86 -19.73
C VAL B 229 -12.82 15.55 -20.41
N LEU B 230 -13.24 15.00 -21.54
CA LEU B 230 -14.43 15.48 -22.24
C LEU B 230 -15.66 15.16 -21.40
N ASP B 231 -16.70 15.98 -21.54
CA ASP B 231 -17.91 15.83 -20.74
C ASP B 231 -18.45 14.38 -20.73
N ASP B 232 -18.42 13.73 -21.89
CA ASP B 232 -18.92 12.36 -22.01
C ASP B 232 -17.92 11.28 -21.59
N GLY B 233 -16.68 11.68 -21.29
CA GLY B 233 -15.63 10.76 -20.85
C GLY B 233 -15.03 9.90 -21.95
N SER B 234 -15.27 10.27 -23.20
CA SER B 234 -14.82 9.48 -24.34
C SER B 234 -13.30 9.41 -24.54
N ASN B 235 -12.57 10.37 -23.99
CA ASN B 235 -11.12 10.46 -24.17
C ASN B 235 -10.29 10.00 -22.97
N ILE B 236 -10.94 9.48 -21.94
CA ILE B 236 -10.26 9.11 -20.69
C ILE B 236 -9.08 8.17 -20.91
N MET B 237 -9.28 7.18 -21.79
CA MET B 237 -8.31 6.11 -22.02
C MET B 237 -7.48 6.34 -23.29
N SER B 238 -7.71 7.46 -23.98
CA SER B 238 -7.04 7.72 -25.26
C SER B 238 -7.31 9.14 -25.74
#